data_2OBL
#
_entry.id   2OBL
#
_cell.length_a   84.382
_cell.length_b   77.609
_cell.length_c   52.901
_cell.angle_alpha   90.00
_cell.angle_beta   90.00
_cell.angle_gamma   90.00
#
_symmetry.space_group_name_H-M   'P 21 21 2'
#
loop_
_entity.id
_entity.type
_entity.pdbx_description
1 polymer EscN
2 non-polymer 'CALCIUM ION'
3 non-polymer 'ACETATE ION'
4 non-polymer IMIDAZOLE
5 water water
#
_entity_poly.entity_id   1
_entity_poly.type   'polypeptide(L)'
_entity_poly.pdbx_seq_one_letter_code
;GSHKIRVGDALLGRLIDGIGRPMESNIVAPYLPFERSLYAEPPDPLLRQVIDQPFILGVRAIDGLLTCGIGQRIGIFAGS
GVGKSTLLGMICNGASADIIVLALIGERGREVNEFLALLPQSTLSKCVLVVTTSDRPALERMKAAFTATTIAEYFRDQGK
NVLLMMDSVTRYARAARDVGLASGEPDVRGGFPPSVFSSLPKLLERAGPAPKGSITAIYTVLLESDNVNDPIGDEVRSIL
DGHIVLTRELAEENHFPAIDIGLSASRVMHNVVTSEHLRAAAECKKLIATYKNPELLIRIGEYTMGQDPEADKAIKNRKL
IQNFIQQSTKDISSYEKTIESLFKVVA
;
_entity_poly.pdbx_strand_id   A
#
loop_
_chem_comp.id
_chem_comp.type
_chem_comp.name
_chem_comp.formula
ACT non-polymer 'ACETATE ION' 'C2 H3 O2 -1'
CA non-polymer 'CALCIUM ION' 'Ca 2'
IMD non-polymer IMIDAZOLE 'C3 H5 N2 1'
#
# COMPACT_ATOMS: atom_id res chain seq x y z
N SER A 2 6.25 -8.51 28.36
CA SER A 2 4.93 -7.81 28.37
C SER A 2 5.01 -6.45 27.66
N HIS A 3 4.66 -6.45 26.37
CA HIS A 3 4.52 -5.20 25.59
C HIS A 3 5.85 -4.61 25.11
N LYS A 4 6.92 -5.37 25.27
CA LYS A 4 8.25 -5.02 24.75
C LYS A 4 8.71 -6.08 23.75
N ILE A 5 9.34 -5.68 22.66
CA ILE A 5 9.94 -6.65 21.73
C ILE A 5 11.43 -6.39 21.62
N ARG A 6 12.15 -7.39 21.11
CA ARG A 6 13.60 -7.25 20.92
C ARG A 6 13.88 -6.96 19.47
N VAL A 7 14.70 -5.94 19.23
CA VAL A 7 15.00 -5.53 17.87
C VAL A 7 16.49 -5.43 17.63
N GLY A 8 16.87 -5.26 16.37
CA GLY A 8 18.26 -5.10 15.97
C GLY A 8 18.40 -5.26 14.47
N ASP A 9 19.57 -4.96 13.93
CA ASP A 9 19.77 -5.13 12.50
C ASP A 9 19.54 -6.57 12.05
N ALA A 10 19.76 -7.53 12.95
CA ALA A 10 19.68 -8.96 12.59
C ALA A 10 18.27 -9.41 12.21
N LEU A 11 17.31 -8.49 12.35
CA LEU A 11 15.95 -8.76 11.97
C LEU A 11 15.80 -8.86 10.45
N LEU A 12 16.71 -8.22 9.72
CA LEU A 12 16.61 -8.21 8.25
C LEU A 12 16.75 -9.61 7.64
N GLY A 13 15.87 -9.92 6.71
CA GLY A 13 15.86 -11.20 6.02
C GLY A 13 15.13 -12.28 6.80
N ARG A 14 14.51 -11.92 7.91
CA ARG A 14 13.93 -12.92 8.81
C ARG A 14 12.41 -12.94 8.88
N LEU A 15 11.87 -14.13 9.12
CA LEU A 15 10.45 -14.29 9.42
C LEU A 15 10.27 -14.21 10.92
N ILE A 16 9.37 -13.34 11.34
CA ILE A 16 9.21 -12.95 12.72
C ILE A 16 7.73 -13.10 13.04
N ASP A 17 7.39 -13.58 14.24
CA ASP A 17 5.98 -13.71 14.62
C ASP A 17 5.35 -12.40 15.09
N GLY A 18 4.11 -12.48 15.56
CA GLY A 18 3.34 -11.27 15.91
C GLY A 18 3.92 -10.45 17.05
N ILE A 19 4.68 -11.09 17.93
CA ILE A 19 5.33 -10.35 19.01
C ILE A 19 6.85 -10.29 18.82
N GLY A 20 7.29 -10.47 17.58
CA GLY A 20 8.67 -10.19 17.20
C GLY A 20 9.69 -11.32 17.29
N ARG A 21 9.23 -12.51 17.65
CA ARG A 21 10.14 -13.65 17.83
C ARG A 21 10.43 -14.33 16.49
N PRO A 22 11.72 -14.49 16.14
CA PRO A 22 12.08 -15.26 14.95
C PRO A 22 11.39 -16.64 14.89
N MET A 23 10.85 -16.99 13.73
CA MET A 23 10.09 -18.23 13.55
C MET A 23 10.87 -19.33 12.80
N GLU A 24 11.97 -18.96 12.14
CA GLU A 24 12.76 -19.96 11.44
C GLU A 24 13.64 -20.64 12.46
N SER A 25 13.78 -21.95 12.35
CA SER A 25 14.57 -22.67 13.33
C SER A 25 16.04 -22.68 12.90
N ASN A 26 16.83 -21.82 13.52
CA ASN A 26 18.28 -21.83 13.36
C ASN A 26 18.98 -22.27 14.64
N ILE A 27 20.06 -23.04 14.51
CA ILE A 27 20.80 -23.45 15.69
C ILE A 27 21.54 -22.26 16.32
N VAL A 28 21.88 -21.27 15.50
CA VAL A 28 22.42 -20.02 16.01
C VAL A 28 21.39 -18.91 15.92
N ALA A 29 21.07 -18.32 17.07
CA ALA A 29 20.01 -17.32 17.15
C ALA A 29 20.48 -15.94 16.70
N PRO A 30 19.58 -15.18 16.06
CA PRO A 30 19.96 -13.82 15.70
C PRO A 30 20.25 -12.98 16.96
N TYR A 31 21.19 -12.05 16.82
CA TYR A 31 21.55 -11.12 17.88
C TYR A 31 20.60 -9.94 17.89
N LEU A 32 19.75 -9.86 18.91
CA LEU A 32 18.76 -8.78 19.02
C LEU A 32 18.89 -8.13 20.38
N PRO A 33 19.83 -7.19 20.50
CA PRO A 33 20.26 -6.66 21.79
C PRO A 33 19.35 -5.59 22.40
N PHE A 34 18.41 -5.06 21.62
CA PHE A 34 17.59 -3.92 22.06
C PHE A 34 16.14 -4.29 22.35
N GLU A 35 15.60 -3.75 23.44
CA GLU A 35 14.16 -3.82 23.67
C GLU A 35 13.50 -2.48 23.33
N ARG A 36 12.34 -2.56 22.68
CA ARG A 36 11.51 -1.38 22.46
C ARG A 36 10.07 -1.69 22.83
N SER A 37 9.37 -0.68 23.34
CA SER A 37 7.95 -0.79 23.63
C SER A 37 7.17 -0.91 22.31
N LEU A 38 6.08 -1.67 22.34
CA LEU A 38 5.21 -1.78 21.16
C LEU A 38 4.44 -0.50 20.90
N TYR A 39 4.46 0.40 21.89
CA TYR A 39 3.74 1.65 21.79
C TYR A 39 4.70 2.83 21.85
N ALA A 40 4.35 3.90 21.12
CA ALA A 40 5.18 5.10 21.08
C ALA A 40 4.28 6.33 21.15
N GLU A 41 4.82 7.44 21.63
CA GLU A 41 3.98 8.60 21.96
C GLU A 41 3.41 9.42 20.81
N PRO A 42 4.00 9.32 19.62
CA PRO A 42 5.21 8.64 19.23
C PRO A 42 6.32 9.65 19.00
N PRO A 43 6.37 10.21 17.78
CA PRO A 43 7.28 11.28 17.39
C PRO A 43 6.64 12.66 17.59
N ASP A 44 6.51 13.06 18.85
CA ASP A 44 5.90 14.35 19.20
C ASP A 44 6.10 15.40 18.11
N PRO A 45 5.02 16.12 17.76
CA PRO A 45 5.05 17.18 16.76
C PRO A 45 6.20 18.16 17.00
N LEU A 46 7.23 17.72 17.71
CA LEU A 46 8.38 18.55 18.00
C LEU A 46 9.59 18.09 17.19
N LEU A 47 9.58 18.39 15.90
CA LEU A 47 8.44 19.06 15.27
C LEU A 47 7.93 18.20 14.13
N ARG A 48 6.67 18.40 13.74
CA ARG A 48 6.09 17.60 12.67
C ARG A 48 6.51 18.12 11.31
N GLN A 49 6.73 17.20 10.38
CA GLN A 49 7.25 17.56 9.06
C GLN A 49 6.16 17.65 7.99
N VAL A 50 6.62 17.96 6.78
CA VAL A 50 5.76 18.06 5.61
C VAL A 50 6.22 17.01 4.60
N ILE A 51 5.30 16.52 3.77
CA ILE A 51 5.64 15.57 2.72
C ILE A 51 5.95 16.36 1.45
N ASP A 52 7.18 16.24 0.95
CA ASP A 52 7.59 17.06 -0.18
C ASP A 52 8.55 16.40 -1.18
N GLN A 53 8.82 15.11 -0.99
CA GLN A 53 9.69 14.34 -1.89
CA GLN A 53 9.67 14.37 -1.90
C GLN A 53 8.90 13.16 -2.42
N PRO A 54 9.09 12.81 -3.71
CA PRO A 54 8.35 11.66 -4.22
C PRO A 54 8.86 10.33 -3.67
N PHE A 55 7.94 9.38 -3.47
CA PHE A 55 8.30 8.03 -3.08
C PHE A 55 7.95 7.13 -4.25
N ILE A 56 8.98 6.56 -4.86
CA ILE A 56 8.81 5.82 -6.10
C ILE A 56 8.44 4.36 -5.79
N LEU A 57 7.38 3.87 -6.43
CA LEU A 57 6.92 2.49 -6.21
C LEU A 57 7.40 1.52 -7.30
N GLY A 58 7.73 2.07 -8.46
CA GLY A 58 8.06 1.24 -9.61
C GLY A 58 6.80 0.68 -10.25
N VAL A 59 5.70 1.41 -10.12
CA VAL A 59 4.44 1.08 -10.76
C VAL A 59 4.03 2.31 -11.57
N ARG A 60 4.03 2.17 -12.89
CA ARG A 60 3.79 3.33 -13.77
C ARG A 60 2.51 4.08 -13.48
N ALA A 61 1.41 3.36 -13.27
CA ALA A 61 0.13 4.01 -13.07
C ALA A 61 0.20 4.92 -11.86
N ILE A 62 0.85 4.45 -10.80
CA ILE A 62 0.90 5.20 -9.54
C ILE A 62 1.95 6.30 -9.58
N ASP A 63 3.18 5.93 -9.92
CA ASP A 63 4.26 6.91 -10.03
C ASP A 63 3.92 8.03 -11.02
N GLY A 64 3.24 7.66 -12.10
CA GLY A 64 2.88 8.61 -13.14
C GLY A 64 1.68 9.49 -12.80
N LEU A 65 0.60 8.87 -12.32
CA LEU A 65 -0.69 9.56 -12.21
C LEU A 65 -1.16 9.82 -10.79
N LEU A 66 -0.55 9.15 -9.80
CA LEU A 66 -1.03 9.21 -8.43
C LEU A 66 0.15 9.21 -7.48
N THR A 67 1.15 10.03 -7.81
CA THR A 67 2.47 9.92 -7.21
C THR A 67 2.47 9.98 -5.69
N CYS A 68 3.16 9.01 -5.09
CA CYS A 68 3.26 8.90 -3.63
C CYS A 68 4.38 9.80 -3.14
N GLY A 69 4.34 10.12 -1.85
CA GLY A 69 5.38 10.94 -1.24
C GLY A 69 6.05 10.27 -0.05
N ILE A 70 7.29 10.64 0.21
CA ILE A 70 8.01 10.09 1.36
C ILE A 70 7.31 10.50 2.66
N GLY A 71 6.91 9.48 3.43
CA GLY A 71 6.22 9.67 4.71
C GLY A 71 4.70 9.66 4.60
N GLN A 72 4.19 9.41 3.40
CA GLN A 72 2.75 9.32 3.18
C GLN A 72 2.18 8.06 3.83
N ARG A 73 0.91 8.15 4.26
CA ARG A 73 0.10 6.99 4.59
C ARG A 73 -0.85 6.71 3.43
N ILE A 74 -0.73 5.52 2.84
CA ILE A 74 -1.44 5.18 1.60
C ILE A 74 -2.28 3.95 1.82
N GLY A 75 -3.52 3.95 1.36
CA GLY A 75 -4.35 2.74 1.46
C GLY A 75 -4.49 2.09 0.09
N ILE A 76 -4.50 0.77 0.06
CA ILE A 76 -4.87 0.05 -1.16
C ILE A 76 -6.13 -0.75 -0.82
N PHE A 77 -7.21 -0.46 -1.54
CA PHE A 77 -8.53 -1.05 -1.30
C PHE A 77 -8.77 -2.09 -2.40
N ALA A 78 -9.04 -3.33 -2.02
CA ALA A 78 -9.16 -4.41 -2.99
C ALA A 78 -9.99 -5.58 -2.48
N GLY A 79 -10.83 -6.12 -3.35
CA GLY A 79 -11.53 -7.36 -3.02
C GLY A 79 -10.67 -8.56 -3.42
N SER A 80 -11.31 -9.74 -3.48
CA SER A 80 -10.64 -10.97 -3.89
C SER A 80 -10.49 -11.06 -5.40
N GLY A 81 -9.42 -11.73 -5.82
CA GLY A 81 -9.24 -12.06 -7.22
C GLY A 81 -9.08 -10.84 -8.12
N VAL A 82 -8.51 -9.77 -7.58
CA VAL A 82 -8.22 -8.61 -8.42
C VAL A 82 -6.73 -8.29 -8.50
N GLY A 83 -5.88 -9.22 -8.06
CA GLY A 83 -4.43 -9.07 -8.26
C GLY A 83 -3.72 -8.29 -7.18
N LYS A 84 -4.34 -8.18 -6.00
CA LYS A 84 -3.72 -7.42 -4.92
C LYS A 84 -2.32 -7.90 -4.61
N SER A 85 -2.14 -9.20 -4.36
CA SER A 85 -0.83 -9.68 -3.92
C SER A 85 0.25 -9.40 -4.98
N THR A 86 -0.13 -9.52 -6.24
CA THR A 86 0.78 -9.23 -7.35
C THR A 86 1.24 -7.76 -7.33
N LEU A 87 0.28 -6.85 -7.10
CA LEU A 87 0.62 -5.44 -6.98
C LEU A 87 1.52 -5.18 -5.77
N LEU A 88 1.21 -5.82 -4.65
CA LEU A 88 2.03 -5.66 -3.45
C LEU A 88 3.45 -6.16 -3.74
N GLY A 89 3.56 -7.29 -4.42
CA GLY A 89 4.87 -7.80 -4.82
C GLY A 89 5.62 -6.82 -5.70
N MET A 90 4.94 -6.24 -6.68
CA MET A 90 5.60 -5.30 -7.59
C MET A 90 6.15 -4.12 -6.83
N ILE A 91 5.37 -3.67 -5.84
CA ILE A 91 5.76 -2.53 -5.03
C ILE A 91 7.00 -2.85 -4.19
N CYS A 92 7.00 -4.01 -3.51
CA CYS A 92 8.15 -4.39 -2.70
C CYS A 92 9.41 -4.48 -3.55
N ASN A 93 9.28 -4.99 -4.77
CA ASN A 93 10.44 -5.20 -5.64
C ASN A 93 10.89 -3.94 -6.36
N GLY A 94 9.96 -2.99 -6.52
CA GLY A 94 10.22 -1.79 -7.29
C GLY A 94 10.43 -0.53 -6.47
N ALA A 95 9.98 -0.54 -5.22
CA ALA A 95 9.95 0.70 -4.42
C ALA A 95 11.33 1.21 -4.05
N SER A 96 11.46 2.54 -3.97
CA SER A 96 12.71 3.16 -3.52
C SER A 96 12.78 3.22 -2.00
N ALA A 97 12.90 2.05 -1.38
CA ALA A 97 12.97 1.95 0.07
C ALA A 97 14.25 1.23 0.44
N ASP A 98 14.89 1.68 1.52
CA ASP A 98 16.11 1.06 2.02
C ASP A 98 15.79 -0.25 2.73
N ILE A 99 14.64 -0.22 3.41
CA ILE A 99 14.18 -1.33 4.25
C ILE A 99 12.67 -1.47 4.10
N ILE A 100 12.20 -2.70 3.96
CA ILE A 100 10.76 -2.96 3.92
C ILE A 100 10.37 -3.77 5.14
N VAL A 101 9.37 -3.27 5.87
CA VAL A 101 8.82 -4.04 6.96
C VAL A 101 7.42 -4.44 6.56
N LEU A 102 7.20 -5.74 6.44
CA LEU A 102 5.92 -6.30 6.02
C LEU A 102 5.21 -6.89 7.22
N ALA A 103 3.91 -6.62 7.31
CA ALA A 103 3.06 -7.26 8.27
C ALA A 103 2.02 -8.02 7.47
N LEU A 104 2.13 -9.34 7.51
CA LEU A 104 1.18 -10.22 6.81
C LEU A 104 0.27 -10.86 7.84
N ILE A 105 -0.95 -10.34 7.94
CA ILE A 105 -1.85 -10.65 9.03
C ILE A 105 -3.13 -11.36 8.59
N GLY A 106 -3.39 -12.52 9.19
CA GLY A 106 -4.72 -13.12 9.17
C GLY A 106 -5.06 -14.03 7.99
N GLU A 107 -4.11 -14.26 7.10
CA GLU A 107 -4.36 -15.18 5.97
C GLU A 107 -3.84 -16.58 6.30
N ARG A 108 -4.16 -17.54 5.45
CA ARG A 108 -3.64 -18.89 5.65
C ARG A 108 -2.20 -18.99 5.15
N GLY A 109 -1.47 -19.99 5.63
CA GLY A 109 -0.08 -20.20 5.21
C GLY A 109 0.08 -20.24 3.70
N ARG A 110 -0.90 -20.82 3.03
CA ARG A 110 -0.87 -20.92 1.58
C ARG A 110 -0.73 -19.55 0.92
N GLU A 111 -1.53 -18.59 1.37
CA GLU A 111 -1.50 -17.25 0.80
C GLU A 111 -0.22 -16.52 1.17
N VAL A 112 0.32 -16.81 2.34
CA VAL A 112 1.57 -16.21 2.76
C VAL A 112 2.69 -16.68 1.84
N ASN A 113 2.76 -17.99 1.61
CA ASN A 113 3.81 -18.51 0.77
C ASN A 113 3.70 -18.02 -0.67
N GLU A 114 2.47 -17.83 -1.16
CA GLU A 114 2.27 -17.31 -2.51
C GLU A 114 2.76 -15.87 -2.66
N PHE A 115 2.60 -15.07 -1.60
CA PHE A 115 3.16 -13.75 -1.60
C PHE A 115 4.68 -13.75 -1.49
N LEU A 116 5.21 -14.54 -0.56
CA LEU A 116 6.65 -14.59 -0.34
C LEU A 116 7.39 -15.04 -1.60
N ALA A 117 6.76 -15.92 -2.37
CA ALA A 117 7.36 -16.38 -3.62
C ALA A 117 7.61 -15.25 -4.63
N LEU A 118 6.87 -14.15 -4.51
CA LEU A 118 7.04 -13.01 -5.44
C LEU A 118 8.31 -12.20 -5.15
N LEU A 119 8.94 -12.46 -4.02
CA LEU A 119 10.06 -11.63 -3.60
C LEU A 119 11.38 -12.36 -3.80
N PRO A 120 12.25 -11.82 -4.67
CA PRO A 120 13.56 -12.44 -4.86
C PRO A 120 14.49 -12.20 -3.66
N GLN A 121 15.59 -12.94 -3.67
CA GLN A 121 16.56 -12.86 -2.58
C GLN A 121 17.00 -11.42 -2.31
N SER A 122 17.19 -10.63 -3.37
CA SER A 122 17.65 -9.25 -3.19
C SER A 122 16.62 -8.38 -2.46
N THR A 123 15.35 -8.69 -2.65
CA THR A 123 14.30 -7.98 -1.93
C THR A 123 14.20 -8.49 -0.49
N LEU A 124 14.12 -9.81 -0.33
CA LEU A 124 14.03 -10.38 1.02
C LEU A 124 15.15 -9.95 1.95
N SER A 125 16.33 -9.68 1.39
CA SER A 125 17.49 -9.26 2.16
C SER A 125 17.32 -7.90 2.84
N LYS A 126 16.40 -7.09 2.33
CA LYS A 126 16.09 -5.81 2.99
C LYS A 126 14.72 -5.78 3.66
N CYS A 127 14.11 -6.96 3.80
CA CYS A 127 12.79 -7.10 4.41
C CYS A 127 12.84 -7.65 5.83
N VAL A 128 11.94 -7.14 6.66
CA VAL A 128 11.57 -7.83 7.88
C VAL A 128 10.14 -8.33 7.70
N LEU A 129 9.92 -9.63 7.88
CA LEU A 129 8.64 -10.24 7.56
C LEU A 129 7.90 -10.62 8.83
N VAL A 130 6.96 -9.77 9.26
CA VAL A 130 6.15 -10.06 10.43
C VAL A 130 4.92 -10.83 9.95
N VAL A 131 4.85 -12.11 10.33
CA VAL A 131 3.80 -12.96 9.80
C VAL A 131 2.98 -13.59 10.90
N THR A 132 1.66 -13.38 10.85
CA THR A 132 0.75 -14.02 11.78
CA THR A 132 0.75 -14.04 11.77
C THR A 132 -0.47 -14.55 11.03
N THR A 133 -0.51 -15.86 10.83
CA THR A 133 -1.57 -16.47 10.06
C THR A 133 -2.87 -16.59 10.84
N SER A 134 -3.92 -17.01 10.12
CA SER A 134 -5.27 -17.03 10.68
C SER A 134 -5.40 -17.92 11.91
N ASP A 135 -4.54 -18.94 12.00
CA ASP A 135 -4.63 -19.90 13.10
C ASP A 135 -4.10 -19.34 14.42
N ARG A 136 -3.32 -18.28 14.34
CA ARG A 136 -2.71 -17.71 15.54
C ARG A 136 -3.79 -17.01 16.38
N PRO A 137 -3.56 -16.88 17.69
CA PRO A 137 -4.53 -16.20 18.54
C PRO A 137 -4.75 -14.75 18.13
N ALA A 138 -5.93 -14.23 18.43
CA ALA A 138 -6.28 -12.86 18.06
C ALA A 138 -5.26 -11.88 18.63
N LEU A 139 -4.83 -12.09 19.88
CA LEU A 139 -3.84 -11.19 20.50
C LEU A 139 -2.57 -11.07 19.67
N GLU A 140 -2.09 -12.19 19.16
CA GLU A 140 -0.90 -12.18 18.32
C GLU A 140 -1.15 -11.45 16.99
N ARG A 141 -2.28 -11.71 16.34
CA ARG A 141 -2.61 -11.03 15.08
C ARG A 141 -2.77 -9.50 15.26
N MET A 142 -3.35 -9.10 16.38
CA MET A 142 -3.42 -7.68 16.69
C MET A 142 -2.03 -7.08 16.93
N LYS A 143 -1.22 -7.77 17.73
CA LYS A 143 0.09 -7.21 18.10
C LYS A 143 1.02 -7.08 16.90
N ALA A 144 0.80 -7.90 15.88
CA ALA A 144 1.67 -7.87 14.68
C ALA A 144 1.74 -6.48 14.07
N ALA A 145 0.62 -5.75 14.08
CA ALA A 145 0.58 -4.41 13.51
C ALA A 145 1.53 -3.46 14.28
N PHE A 146 1.54 -3.60 15.60
CA PHE A 146 2.39 -2.75 16.45
C PHE A 146 3.84 -3.18 16.35
N THR A 147 4.07 -4.49 16.34
CA THR A 147 5.42 -5.02 16.16
C THR A 147 6.06 -4.50 14.87
N ALA A 148 5.33 -4.62 13.78
CA ALA A 148 5.79 -4.12 12.49
C ALA A 148 6.10 -2.62 12.57
N THR A 149 5.21 -1.86 13.18
CA THR A 149 5.37 -0.41 13.25
C THR A 149 6.62 -0.06 14.05
N THR A 150 6.81 -0.76 15.17
CA THR A 150 7.96 -0.53 16.05
C THR A 150 9.26 -0.87 15.35
N ILE A 151 9.28 -1.95 14.59
CA ILE A 151 10.47 -2.32 13.83
C ILE A 151 10.78 -1.28 12.74
N ALA A 152 9.74 -0.77 12.08
CA ALA A 152 9.91 0.30 11.11
C ALA A 152 10.53 1.52 11.76
N GLU A 153 10.10 1.84 12.97
CA GLU A 153 10.67 2.99 13.71
C GLU A 153 12.15 2.75 14.05
N TYR A 154 12.48 1.51 14.42
CA TYR A 154 13.87 1.18 14.71
C TYR A 154 14.75 1.45 13.49
N PHE A 155 14.33 0.96 12.32
CA PHE A 155 15.10 1.18 11.09
C PHE A 155 15.10 2.63 10.61
N ARG A 156 13.96 3.32 10.75
CA ARG A 156 13.91 4.77 10.49
C ARG A 156 14.98 5.49 11.32
N ASP A 157 15.05 5.14 12.60
CA ASP A 157 16.00 5.76 13.53
C ASP A 157 17.46 5.53 13.15
N GLN A 158 17.73 4.58 12.25
CA GLN A 158 19.09 4.37 11.73
C GLN A 158 19.34 5.24 10.49
N GLY A 159 18.34 6.01 10.11
CA GLY A 159 18.42 6.89 8.96
C GLY A 159 17.92 6.26 7.66
N LYS A 160 17.26 5.11 7.78
CA LYS A 160 16.76 4.39 6.61
C LYS A 160 15.43 4.95 6.14
N ASN A 161 15.23 5.00 4.83
CA ASN A 161 13.91 5.27 4.32
C ASN A 161 13.16 3.95 4.27
N VAL A 162 12.19 3.82 5.18
CA VAL A 162 11.50 2.57 5.41
C VAL A 162 10.14 2.54 4.70
N LEU A 163 9.81 1.41 4.10
CA LEU A 163 8.45 1.16 3.63
C LEU A 163 7.80 0.17 4.58
N LEU A 164 6.75 0.62 5.27
CA LEU A 164 5.94 -0.27 6.11
C LEU A 164 4.74 -0.71 5.28
N MET A 165 4.56 -2.00 5.12
CA MET A 165 3.47 -2.49 4.30
C MET A 165 2.64 -3.49 5.09
N MET A 166 1.40 -3.13 5.37
CA MET A 166 0.56 -3.92 6.25
C MET A 166 -0.60 -4.51 5.46
N ASP A 167 -0.58 -5.83 5.31
CA ASP A 167 -1.61 -6.55 4.57
C ASP A 167 -2.23 -7.53 5.59
N SER A 168 -3.31 -7.15 6.28
CA SER A 168 -4.13 -5.97 5.98
C SER A 168 -4.56 -5.28 7.25
N VAL A 169 -4.91 -3.99 7.14
CA VAL A 169 -5.48 -3.32 8.30
C VAL A 169 -6.83 -3.94 8.62
N THR A 170 -7.51 -4.46 7.60
CA THR A 170 -8.81 -5.14 7.80
C THR A 170 -8.70 -6.31 8.77
N ARG A 171 -7.71 -7.18 8.56
CA ARG A 171 -7.58 -8.37 9.43
C ARG A 171 -6.94 -8.04 10.75
N TYR A 172 -6.11 -7.00 10.77
CA TYR A 172 -5.63 -6.46 12.02
C TYR A 172 -6.83 -6.04 12.87
N ALA A 173 -7.76 -5.32 12.24
CA ALA A 173 -8.93 -4.78 12.96
C ALA A 173 -9.85 -5.87 13.49
N ARG A 174 -10.00 -6.94 12.71
CA ARG A 174 -10.83 -8.05 13.15
C ARG A 174 -10.18 -8.73 14.36
N ALA A 175 -8.87 -8.86 14.34
CA ALA A 175 -8.15 -9.40 15.49
C ALA A 175 -8.32 -8.47 16.71
N ALA A 176 -8.10 -7.19 16.50
CA ALA A 176 -8.23 -6.21 17.58
C ALA A 176 -9.66 -6.17 18.14
N ARG A 177 -10.63 -6.40 17.25
CA ARG A 177 -12.05 -6.49 17.66
C ARG A 177 -12.21 -7.63 18.66
N ASP A 178 -11.71 -8.80 18.29
CA ASP A 178 -11.90 -9.99 19.09
C ASP A 178 -11.22 -9.84 20.43
N VAL A 179 -10.04 -9.21 20.45
CA VAL A 179 -9.34 -8.91 21.72
C VAL A 179 -10.16 -7.95 22.58
N GLY A 180 -10.66 -6.88 21.96
CA GLY A 180 -11.44 -5.88 22.67
C GLY A 180 -12.73 -6.44 23.26
N LEU A 181 -13.45 -7.24 22.48
CA LEU A 181 -14.72 -7.83 22.93
C LEU A 181 -14.48 -8.79 24.08
N ALA A 182 -13.36 -9.50 23.99
CA ALA A 182 -12.93 -10.41 25.04
C ALA A 182 -12.67 -9.68 26.37
N SER A 183 -12.21 -8.42 26.29
CA SER A 183 -11.96 -7.64 27.50
C SER A 183 -13.26 -7.08 28.07
N GLY A 184 -14.37 -7.30 27.37
CA GLY A 184 -15.69 -6.87 27.86
C GLY A 184 -16.24 -5.60 27.22
N GLU A 185 -15.55 -5.08 26.21
CA GLU A 185 -16.05 -3.91 25.49
C GLU A 185 -17.30 -4.26 24.70
N PRO A 186 -18.22 -3.29 24.56
CA PRO A 186 -19.38 -3.53 23.75
C PRO A 186 -19.12 -3.23 22.27
N ASP A 187 -19.94 -3.81 21.40
CA ASP A 187 -19.99 -3.43 19.99
C ASP A 187 -20.46 -1.98 19.93
N VAL A 188 -19.74 -1.12 19.22
CA VAL A 188 -20.23 0.25 19.02
C VAL A 188 -20.70 0.49 17.59
N ARG A 189 -19.97 -0.07 16.63
CA ARG A 189 -20.29 0.09 15.21
C ARG A 189 -19.85 -1.15 14.47
N GLY A 190 -20.78 -1.81 13.79
CA GLY A 190 -20.42 -2.90 12.86
C GLY A 190 -19.77 -4.10 13.53
N GLY A 191 -20.01 -4.26 14.83
CA GLY A 191 -19.38 -5.36 15.57
C GLY A 191 -18.05 -5.00 16.24
N PHE A 192 -17.57 -3.79 15.99
CA PHE A 192 -16.27 -3.33 16.53
C PHE A 192 -16.41 -2.54 17.81
N PRO A 193 -15.56 -2.84 18.81
CA PRO A 193 -15.56 -2.00 20.01
C PRO A 193 -14.75 -0.71 19.85
N PRO A 194 -14.98 0.26 20.74
CA PRO A 194 -14.28 1.53 20.73
C PRO A 194 -12.76 1.41 20.58
N SER A 195 -12.14 0.43 21.21
CA SER A 195 -10.67 0.27 21.19
C SER A 195 -10.08 0.16 19.78
N VAL A 196 -10.77 -0.53 18.88
CA VAL A 196 -10.24 -0.71 17.54
C VAL A 196 -10.20 0.63 16.82
N PHE A 197 -11.29 1.39 16.92
CA PHE A 197 -11.33 2.69 16.27
C PHE A 197 -10.25 3.63 16.77
N SER A 198 -10.07 3.69 18.07
CA SER A 198 -9.05 4.60 18.61
C SER A 198 -7.63 4.13 18.26
N SER A 199 -7.45 2.85 17.95
CA SER A 199 -6.11 2.33 17.62
C SER A 199 -5.66 2.77 16.23
N LEU A 200 -6.62 3.01 15.34
CA LEU A 200 -6.28 3.30 13.94
C LEU A 200 -5.42 4.54 13.77
N PRO A 201 -5.89 5.70 14.28
CA PRO A 201 -5.01 6.86 14.10
C PRO A 201 -3.70 6.75 14.88
N LYS A 202 -3.71 6.03 15.99
CA LYS A 202 -2.50 5.85 16.78
C LYS A 202 -1.46 5.07 15.99
N LEU A 203 -1.89 4.03 15.28
CA LEU A 203 -1.01 3.30 14.39
C LEU A 203 -0.54 4.12 13.19
N LEU A 204 -1.48 4.76 12.51
CA LEU A 204 -1.14 5.46 11.28
C LEU A 204 -0.29 6.69 11.52
N GLU A 205 -0.49 7.30 12.68
CA GLU A 205 0.23 8.53 12.99
C GLU A 205 1.70 8.26 13.27
N ARG A 206 2.08 6.99 13.42
CA ARG A 206 3.49 6.64 13.61
C ARG A 206 4.31 6.61 12.32
N ALA A 207 3.65 6.46 11.18
CA ALA A 207 4.31 6.63 9.88
C ALA A 207 4.55 8.12 9.65
N GLY A 208 5.45 8.45 8.74
CA GLY A 208 5.70 9.86 8.39
C GLY A 208 7.15 10.20 8.10
N PRO A 209 7.39 11.41 7.58
CA PRO A 209 8.77 11.85 7.35
C PRO A 209 9.48 12.11 8.67
N ALA A 210 10.81 12.14 8.64
CA ALA A 210 11.58 12.41 9.84
C ALA A 210 12.89 13.10 9.48
N PRO A 211 13.53 13.75 10.47
CA PRO A 211 14.80 14.44 10.23
C PRO A 211 15.79 13.53 9.49
N LYS A 212 16.00 12.33 10.04
CA LYS A 212 16.77 11.30 9.35
C LYS A 212 15.85 10.09 9.16
N GLY A 213 15.91 9.50 7.97
CA GLY A 213 15.03 8.38 7.65
C GLY A 213 13.58 8.81 7.52
N SER A 214 12.72 7.83 7.26
CA SER A 214 11.30 8.08 7.15
C SER A 214 10.58 6.75 7.17
N ILE A 215 9.28 6.81 7.39
CA ILE A 215 8.41 5.66 7.22
C ILE A 215 7.28 6.08 6.31
N THR A 216 7.21 5.45 5.16
CA THR A 216 6.10 5.58 4.25
C THR A 216 5.34 4.30 4.42
N ALA A 217 4.02 4.39 4.57
CA ALA A 217 3.28 3.21 4.94
C ALA A 217 2.16 2.94 3.96
N ILE A 218 1.98 1.66 3.62
CA ILE A 218 0.87 1.23 2.79
C ILE A 218 0.04 0.25 3.60
N TYR A 219 -1.25 0.56 3.72
CA TYR A 219 -2.20 -0.28 4.49
C TYR A 219 -3.24 -0.85 3.53
N THR A 220 -3.43 -2.15 3.52
CA THR A 220 -4.49 -2.69 2.64
C THR A 220 -5.80 -2.84 3.39
N VAL A 221 -6.88 -2.61 2.64
CA VAL A 221 -8.24 -2.75 3.12
C VAL A 221 -8.91 -3.78 2.19
N LEU A 222 -9.43 -4.85 2.79
CA LEU A 222 -9.92 -5.98 2.02
C LEU A 222 -11.40 -5.80 1.88
N LEU A 223 -11.87 -5.77 0.64
CA LEU A 223 -13.26 -5.49 0.36
C LEU A 223 -14.04 -6.79 0.23
N GLU A 224 -15.19 -6.85 0.87
CA GLU A 224 -16.01 -8.05 0.78
C GLU A 224 -17.00 -7.90 -0.39
N SER A 225 -17.38 -9.02 -1.00
CA SER A 225 -18.33 -8.97 -2.09
C SER A 225 -19.71 -9.03 -1.50
N ASP A 226 -20.02 -8.04 -0.68
CA ASP A 226 -21.35 -7.91 -0.10
C ASP A 226 -21.62 -6.43 0.07
N ASN A 227 -22.76 -6.11 0.65
CA ASN A 227 -23.12 -4.71 0.77
C ASN A 227 -23.11 -4.30 2.24
N VAL A 228 -22.32 -5.01 3.03
CA VAL A 228 -22.27 -4.72 4.45
C VAL A 228 -21.27 -3.60 4.69
N ASN A 229 -21.63 -2.63 5.52
CA ASN A 229 -20.70 -1.55 5.83
C ASN A 229 -19.42 -2.07 6.52
N ASP A 230 -18.27 -1.55 6.08
CA ASP A 230 -17.00 -1.77 6.79
C ASP A 230 -16.56 -0.45 7.43
N PRO A 231 -16.88 -0.28 8.71
CA PRO A 231 -16.60 0.99 9.35
C PRO A 231 -15.09 1.23 9.59
N ILE A 232 -14.30 0.17 9.61
CA ILE A 232 -12.84 0.29 9.77
C ILE A 232 -12.27 0.94 8.51
N GLY A 233 -12.64 0.41 7.34
CA GLY A 233 -12.19 0.96 6.06
C GLY A 233 -12.59 2.43 5.95
N ASP A 234 -13.80 2.74 6.45
CA ASP A 234 -14.32 4.11 6.37
C ASP A 234 -13.45 5.06 7.18
N GLU A 235 -13.11 4.64 8.40
CA GLU A 235 -12.27 5.47 9.25
C GLU A 235 -10.89 5.66 8.62
N VAL A 236 -10.36 4.61 8.02
CA VAL A 236 -9.07 4.67 7.35
C VAL A 236 -9.13 5.66 6.18
N ARG A 237 -10.19 5.59 5.39
CA ARG A 237 -10.37 6.57 4.28
C ARG A 237 -10.18 7.99 4.74
N SER A 238 -10.73 8.30 5.90
CA SER A 238 -10.72 9.65 6.42
C SER A 238 -9.37 10.09 7.00
N ILE A 239 -8.46 9.13 7.21
CA ILE A 239 -7.14 9.43 7.76
C ILE A 239 -6.05 9.48 6.70
N LEU A 240 -6.19 8.64 5.67
CA LEU A 240 -5.12 8.43 4.67
C LEU A 240 -4.73 9.69 3.89
N ASP A 241 -3.51 9.69 3.37
CA ASP A 241 -3.00 10.74 2.50
C ASP A 241 -3.12 10.35 1.03
N GLY A 242 -3.53 9.13 0.76
CA GLY A 242 -3.71 8.69 -0.61
C GLY A 242 -4.38 7.34 -0.60
N HIS A 243 -5.06 7.00 -1.69
CA HIS A 243 -5.71 5.71 -1.75
C HIS A 243 -5.71 5.20 -3.19
N ILE A 244 -5.45 3.90 -3.31
CA ILE A 244 -5.39 3.24 -4.58
C ILE A 244 -6.51 2.20 -4.55
N VAL A 245 -7.37 2.23 -5.55
CA VAL A 245 -8.53 1.34 -5.54
C VAL A 245 -8.45 0.34 -6.69
N LEU A 246 -8.53 -0.95 -6.38
CA LEU A 246 -8.54 -1.99 -7.40
C LEU A 246 -9.96 -2.46 -7.59
N THR A 247 -10.34 -2.79 -8.83
CA THR A 247 -11.72 -3.17 -9.11
C THR A 247 -11.83 -4.50 -9.83
N ARG A 248 -12.89 -5.23 -9.51
CA ARG A 248 -13.24 -6.45 -10.23
C ARG A 248 -13.44 -6.16 -11.71
N GLU A 249 -14.03 -5.02 -12.02
CA GLU A 249 -14.28 -4.64 -13.40
C GLU A 249 -13.02 -4.60 -14.27
N LEU A 250 -11.93 -4.03 -13.74
CA LEU A 250 -10.66 -4.06 -14.45
C LEU A 250 -10.00 -5.45 -14.43
N ALA A 251 -10.05 -6.14 -13.30
CA ALA A 251 -9.48 -7.49 -13.24
C ALA A 251 -10.10 -8.44 -14.28
N GLU A 252 -11.39 -8.28 -14.55
CA GLU A 252 -12.09 -9.16 -15.49
C GLU A 252 -11.81 -8.80 -16.95
N GLU A 253 -11.25 -7.62 -17.16
CA GLU A 253 -10.75 -7.22 -18.47
C GLU A 253 -9.30 -7.64 -18.67
N ASN A 254 -8.75 -8.32 -17.66
CA ASN A 254 -7.34 -8.70 -17.62
C ASN A 254 -6.45 -7.46 -17.67
N HIS A 255 -6.93 -6.41 -17.00
CA HIS A 255 -6.25 -5.13 -16.95
C HIS A 255 -5.54 -5.05 -15.59
N PHE A 256 -4.23 -5.27 -15.60
CA PHE A 256 -3.43 -5.30 -14.37
C PHE A 256 -2.19 -4.41 -14.42
N PRO A 257 -1.87 -3.70 -13.31
CA PRO A 257 -2.64 -3.62 -12.05
C PRO A 257 -4.05 -3.08 -12.26
N ALA A 258 -5.04 -3.61 -11.53
CA ALA A 258 -6.44 -3.31 -11.78
C ALA A 258 -6.88 -2.02 -11.09
N ILE A 259 -6.06 -0.98 -11.25
CA ILE A 259 -6.28 0.27 -10.54
C ILE A 259 -7.29 1.14 -11.28
N ASP A 260 -8.38 1.49 -10.60
CA ASP A 260 -9.32 2.44 -11.17
C ASP A 260 -8.79 3.83 -10.87
N ILE A 261 -8.31 4.52 -11.89
CA ILE A 261 -7.65 5.81 -11.67
C ILE A 261 -8.62 6.86 -11.09
N GLY A 262 -9.88 6.84 -11.56
CA GLY A 262 -10.86 7.86 -11.17
C GLY A 262 -11.30 7.73 -9.72
N LEU A 263 -11.12 6.53 -9.15
CA LEU A 263 -11.49 6.28 -7.74
C LEU A 263 -10.30 6.38 -6.81
N SER A 264 -9.13 6.63 -7.40
CA SER A 264 -7.90 6.65 -6.63
C SER A 264 -7.46 8.09 -6.49
N ALA A 265 -6.58 8.37 -5.55
CA ALA A 265 -6.07 9.73 -5.40
C ALA A 265 -4.77 9.75 -4.60
N SER A 266 -3.98 10.79 -4.85
CA SER A 266 -2.86 11.07 -3.97
C SER A 266 -2.99 12.51 -3.52
N ARG A 267 -3.18 12.72 -2.21
CA ARG A 267 -3.33 14.08 -1.69
C ARG A 267 -2.01 14.84 -1.70
N VAL A 268 -0.90 14.13 -1.92
CA VAL A 268 0.42 14.75 -1.85
C VAL A 268 1.08 14.96 -3.22
N MET A 269 0.53 14.35 -4.25
CA MET A 269 1.15 14.40 -5.58
C MET A 269 1.54 15.80 -6.01
N HIS A 270 0.62 16.75 -5.90
CA HIS A 270 0.88 18.10 -6.39
C HIS A 270 2.07 18.76 -5.69
N ASN A 271 2.42 18.23 -4.52
CA ASN A 271 3.54 18.73 -3.72
C ASN A 271 4.87 18.02 -4.00
N VAL A 272 4.83 16.94 -4.76
CA VAL A 272 6.04 16.13 -4.97
C VAL A 272 6.42 15.95 -6.44
N VAL A 273 5.58 16.46 -7.35
CA VAL A 273 5.89 16.43 -8.79
C VAL A 273 5.93 17.83 -9.40
N THR A 274 6.57 17.95 -10.56
CA THR A 274 6.63 19.23 -11.24
C THR A 274 5.26 19.64 -11.75
N SER A 275 5.08 20.93 -12.03
CA SER A 275 3.77 21.35 -12.52
C SER A 275 3.47 20.68 -13.86
N GLU A 276 4.50 20.50 -14.69
CA GLU A 276 4.33 19.86 -15.99
C GLU A 276 3.93 18.40 -15.84
N HIS A 277 4.55 17.70 -14.90
CA HIS A 277 4.19 16.33 -14.59
C HIS A 277 2.71 16.30 -14.17
N LEU A 278 2.31 17.21 -13.28
CA LEU A 278 0.93 17.26 -12.79
C LEU A 278 -0.05 17.47 -13.95
N ARG A 279 0.33 18.35 -14.88
CA ARG A 279 -0.49 18.66 -16.05
C ARG A 279 -0.66 17.46 -16.97
N ALA A 280 0.45 16.77 -17.25
CA ALA A 280 0.38 15.57 -18.09
C ALA A 280 -0.49 14.50 -17.43
N ALA A 281 -0.32 14.31 -16.13
CA ALA A 281 -1.14 13.32 -15.40
C ALA A 281 -2.62 13.68 -15.46
N ALA A 282 -2.93 14.95 -15.35
CA ALA A 282 -4.33 15.39 -15.37
C ALA A 282 -4.97 15.11 -16.72
N GLU A 283 -4.22 15.37 -17.79
CA GLU A 283 -4.71 15.07 -19.12
C GLU A 283 -4.87 13.57 -19.32
N CYS A 284 -3.90 12.78 -18.86
CA CYS A 284 -3.97 11.32 -19.00
C CYS A 284 -5.22 10.81 -18.30
N LYS A 285 -5.48 11.32 -17.10
CA LYS A 285 -6.67 10.90 -16.35
C LYS A 285 -7.95 11.23 -17.11
N LYS A 286 -8.00 12.43 -17.68
CA LYS A 286 -9.17 12.85 -18.43
C LYS A 286 -9.33 11.98 -19.67
N LEU A 287 -8.21 11.64 -20.31
CA LEU A 287 -8.27 10.79 -21.49
C LEU A 287 -8.79 9.40 -21.14
N ILE A 288 -8.28 8.84 -20.03
CA ILE A 288 -8.76 7.56 -19.52
C ILE A 288 -10.27 7.60 -19.25
N ALA A 289 -10.74 8.68 -18.63
CA ALA A 289 -12.15 8.80 -18.26
C ALA A 289 -13.06 8.97 -19.48
N THR A 290 -12.56 9.65 -20.51
CA THR A 290 -13.40 9.97 -21.67
C THR A 290 -13.42 8.89 -22.75
N TYR A 291 -12.52 7.91 -22.66
CA TYR A 291 -12.41 6.89 -23.70
C TYR A 291 -13.67 6.04 -23.85
N LYS A 292 -14.03 5.77 -25.09
CA LYS A 292 -15.17 4.91 -25.42
C LYS A 292 -14.83 3.97 -26.57
N ASN A 293 -15.07 2.67 -26.37
CA ASN A 293 -14.85 1.66 -27.39
C ASN A 293 -15.34 2.12 -28.77
N PRO A 294 -14.43 2.17 -29.76
CA PRO A 294 -14.77 2.54 -31.15
C PRO A 294 -15.82 1.64 -31.79
N GLU A 295 -15.84 0.36 -31.43
CA GLU A 295 -16.88 -0.59 -31.87
C GLU A 295 -18.27 0.04 -31.80
N LEU A 296 -18.51 0.80 -30.73
CA LEU A 296 -19.83 1.36 -30.43
C LEU A 296 -20.30 2.37 -31.48
N LEU A 297 -19.36 3.01 -32.17
CA LEU A 297 -19.70 3.96 -33.21
C LEU A 297 -19.73 3.32 -34.60
N ILE A 298 -18.79 2.43 -34.87
CA ILE A 298 -18.77 1.74 -36.16
C ILE A 298 -20.06 0.94 -36.33
N ARG A 299 -20.53 0.31 -35.26
CA ARG A 299 -21.71 -0.54 -35.34
C ARG A 299 -23.00 0.23 -35.65
N ILE A 300 -22.94 1.56 -35.53
CA ILE A 300 -24.08 2.42 -35.89
C ILE A 300 -23.78 3.26 -37.14
N GLY A 301 -22.68 2.93 -37.83
CA GLY A 301 -22.34 3.55 -39.10
C GLY A 301 -21.80 4.97 -39.01
N GLU A 302 -21.48 5.41 -37.79
CA GLU A 302 -21.11 6.80 -37.54
C GLU A 302 -19.66 7.15 -37.88
N TYR A 303 -19.49 8.28 -38.57
CA TYR A 303 -18.18 8.89 -38.78
C TYR A 303 -17.96 9.99 -37.75
N THR A 304 -18.18 9.66 -36.48
CA THR A 304 -18.06 10.64 -35.41
C THR A 304 -16.88 11.59 -35.64
N MET A 305 -15.85 11.46 -34.81
CA MET A 305 -14.71 12.36 -34.88
C MET A 305 -15.15 13.76 -34.48
N GLY A 306 -16.12 13.84 -33.57
CA GLY A 306 -16.65 15.11 -33.11
C GLY A 306 -17.32 15.91 -34.20
N GLN A 307 -16.71 17.04 -34.56
CA GLN A 307 -15.47 17.46 -33.93
C GLN A 307 -15.63 17.54 -32.41
N ASP A 308 -15.31 16.45 -31.73
CA ASP A 308 -15.29 16.42 -30.28
C ASP A 308 -13.86 16.11 -29.82
N PRO A 309 -13.03 17.16 -29.71
CA PRO A 309 -11.59 17.06 -29.46
C PRO A 309 -11.21 16.10 -28.34
N GLU A 310 -11.85 16.24 -27.18
CA GLU A 310 -11.53 15.43 -26.01
C GLU A 310 -11.68 13.94 -26.28
N ALA A 311 -12.80 13.54 -26.86
CA ALA A 311 -13.06 12.14 -27.14
C ALA A 311 -12.17 11.57 -28.24
N ASP A 312 -11.81 12.42 -29.20
CA ASP A 312 -11.03 11.97 -30.36
C ASP A 312 -9.60 11.59 -29.96
N LYS A 313 -9.01 12.38 -29.08
CA LYS A 313 -7.65 12.14 -28.60
C LYS A 313 -7.60 10.85 -27.77
N ALA A 314 -8.66 10.59 -27.01
CA ALA A 314 -8.75 9.42 -26.15
C ALA A 314 -8.65 8.12 -26.93
N ILE A 315 -9.29 8.08 -28.10
CA ILE A 315 -9.26 6.89 -28.94
C ILE A 315 -7.89 6.77 -29.59
N LYS A 316 -7.39 7.90 -30.10
CA LYS A 316 -6.10 7.96 -30.74
C LYS A 316 -4.99 7.52 -29.79
N ASN A 317 -5.14 7.85 -28.51
CA ASN A 317 -4.08 7.59 -27.53
C ASN A 317 -4.32 6.34 -26.67
N ARG A 318 -5.41 5.63 -26.94
CA ARG A 318 -5.81 4.45 -26.16
C ARG A 318 -4.68 3.44 -25.95
N LYS A 319 -4.12 2.92 -27.03
CA LYS A 319 -3.06 1.92 -26.94
C LYS A 319 -1.84 2.40 -26.16
N LEU A 320 -1.47 3.66 -26.34
CA LEU A 320 -0.35 4.24 -25.60
C LEU A 320 -0.69 4.29 -24.12
N ILE A 321 -1.85 4.84 -23.82
CA ILE A 321 -2.32 4.99 -22.45
C ILE A 321 -2.45 3.63 -21.74
N GLN A 322 -3.06 2.67 -22.42
CA GLN A 322 -3.24 1.35 -21.84
C GLN A 322 -1.92 0.61 -21.61
N ASN A 323 -1.00 0.70 -22.57
CA ASN A 323 0.33 0.11 -22.40
C ASN A 323 1.13 0.76 -21.27
N PHE A 324 0.79 2.01 -20.97
CA PHE A 324 1.43 2.75 -19.90
C PHE A 324 0.92 2.28 -18.53
N ILE A 325 -0.40 2.27 -18.36
CA ILE A 325 -0.97 1.96 -17.03
C ILE A 325 -1.04 0.47 -16.76
N GLN A 326 -1.24 -0.34 -17.80
CA GLN A 326 -1.13 -1.77 -17.64
C GLN A 326 0.36 -2.09 -17.63
N GLN A 327 0.75 -3.00 -16.76
CA GLN A 327 2.17 -3.28 -16.53
C GLN A 327 2.34 -4.67 -15.95
N SER A 328 3.10 -5.50 -16.64
CA SER A 328 3.39 -6.84 -16.14
C SER A 328 4.45 -6.77 -15.05
N THR A 329 4.58 -7.88 -14.31
CA THR A 329 5.56 -7.99 -13.25
C THR A 329 6.99 -7.76 -13.74
N LYS A 330 7.32 -8.27 -14.92
CA LYS A 330 8.68 -8.12 -15.45
C LYS A 330 8.85 -6.86 -16.31
N ASP A 331 7.76 -6.13 -16.51
CA ASP A 331 7.76 -4.86 -17.24
C ASP A 331 8.28 -3.76 -16.32
N ILE A 332 9.60 -3.59 -16.29
CA ILE A 332 10.28 -2.68 -15.37
C ILE A 332 10.39 -1.26 -15.94
N SER A 333 10.34 -0.26 -15.07
CA SER A 333 10.32 1.15 -15.48
C SER A 333 10.83 2.09 -14.39
N SER A 334 11.94 2.78 -14.67
CA SER A 334 12.49 3.74 -13.72
C SER A 334 11.59 4.99 -13.66
N TYR A 335 11.83 5.85 -12.68
CA TYR A 335 10.99 7.01 -12.50
C TYR A 335 11.22 7.98 -13.66
N GLU A 336 12.47 8.13 -14.06
CA GLU A 336 12.77 8.92 -15.26
C GLU A 336 11.97 8.40 -16.44
N LYS A 337 12.04 7.10 -16.69
CA LYS A 337 11.34 6.50 -17.83
C LYS A 337 9.82 6.67 -17.73
N THR A 338 9.29 6.51 -16.52
CA THR A 338 7.85 6.65 -16.30
C THR A 338 7.36 8.04 -16.70
N ILE A 339 8.08 9.05 -16.26
CA ILE A 339 7.69 10.41 -16.60
C ILE A 339 7.83 10.67 -18.11
N GLU A 340 8.91 10.20 -18.73
CA GLU A 340 9.06 10.38 -20.17
C GLU A 340 7.92 9.70 -20.92
N SER A 341 7.53 8.52 -20.45
CA SER A 341 6.47 7.75 -21.08
C SER A 341 5.11 8.42 -20.93
N LEU A 342 4.86 9.02 -19.77
CA LEU A 342 3.62 9.76 -19.51
C LEU A 342 3.42 10.89 -20.52
N PHE A 343 4.47 11.69 -20.72
CA PHE A 343 4.37 12.80 -21.67
C PHE A 343 4.03 12.30 -23.07
N LYS A 344 4.61 11.16 -23.44
CA LYS A 344 4.33 10.53 -24.73
C LYS A 344 2.86 10.12 -24.91
N VAL A 345 2.22 9.63 -23.86
CA VAL A 345 0.83 9.16 -23.96
C VAL A 345 -0.21 10.28 -24.04
N VAL A 346 0.17 11.49 -23.64
CA VAL A 346 -0.77 12.61 -23.73
C VAL A 346 -0.44 13.56 -24.88
N ALA A 347 0.59 13.23 -25.64
CA ALA A 347 0.99 14.05 -26.79
C ALA A 347 -0.03 13.91 -27.92
CA CA B . -18.65 2.43 4.16
C ACT C . -14.72 -11.47 10.46
O ACT C . -15.33 -10.43 10.74
OXT ACT C . -14.15 -12.08 11.42
CH3 ACT C . -14.66 -11.98 9.05
N1 IMD D . -0.94 -12.76 4.60
C2 IMD D . -1.24 -11.45 4.45
N3 IMD D . -1.07 -11.14 3.13
C4 IMD D . -0.67 -12.26 2.46
C5 IMD D . -0.58 -13.28 3.40
#